data_1KNY
#
_entry.id   1KNY
#
_cell.length_a   57.300
_cell.length_b   102.200
_cell.length_c   108.800
_cell.angle_alpha   90.00
_cell.angle_beta   90.00
_cell.angle_gamma   90.00
#
_symmetry.space_group_name_H-M   'P 21 21 21'
#
loop_
_entity.id
_entity.type
_entity.pdbx_description
1 polymer 'KANAMYCIN NUCLEOTIDYLTRANSFERASE'
2 non-polymer 'MAGNESIUM ION'
3 non-polymer 'DIPHOSPHOMETHYLPHOSPHONIC ACID ADENOSYL ESTER'
4 non-polymer 'KANAMYCIN A'
5 water water
#
_entity_poly.entity_id   1
_entity_poly.type   'polypeptide(L)'
_entity_poly.pdbx_seq_one_letter_code
;MNGPIIMTREERMKIVHEIKERILDKYGDDVKAIGVYGSLGRQTDGPYSDIEMMCVMSTEEAEFSHEWTTGEWKVEVNFY
SEEILLDYASQVESDWPLTHGQFFSILPIYDSGGYLEKVYQTAKSVEAQTFHDAICALIVEELFEYAGKWRNIRVQGPTT
FLPSLTVQVAMAGAMLIGLHHRICYTTSASVLTEAVKQSDLPSGYDHLCQFVMSGQLSDSEKLLESLENFWNGIQEWTER
HGYIVDVSKRIPF
;
_entity_poly.pdbx_strand_id   A,B
#
# COMPACT_ATOMS: atom_id res chain seq x y z
N MET A 1 4.55 -16.66 18.63
CA MET A 1 5.35 -17.62 17.89
C MET A 1 6.82 -17.21 17.82
N ASN A 2 7.64 -18.21 17.49
CA ASN A 2 9.06 -17.96 17.39
C ASN A 2 9.44 -17.35 16.07
N GLY A 3 8.46 -17.26 15.18
CA GLY A 3 8.71 -16.63 13.91
C GLY A 3 9.27 -17.55 12.88
N PRO A 4 9.85 -16.94 11.84
CA PRO A 4 10.38 -17.72 10.76
C PRO A 4 11.68 -18.40 11.02
N ILE A 5 11.68 -19.67 10.69
CA ILE A 5 12.83 -20.49 10.87
C ILE A 5 13.64 -20.52 9.61
N ILE A 6 14.91 -20.96 9.75
CA ILE A 6 15.87 -21.14 8.67
C ILE A 6 15.53 -22.43 7.98
N MET A 7 15.44 -22.37 6.67
CA MET A 7 15.13 -23.54 5.91
C MET A 7 15.93 -23.48 4.71
N THR A 8 15.87 -24.57 3.98
CA THR A 8 16.60 -24.72 2.77
C THR A 8 15.67 -24.77 1.62
N ARG A 9 16.26 -24.39 0.50
CA ARG A 9 15.58 -24.42 -0.75
C ARG A 9 14.95 -25.82 -0.91
N GLU A 10 15.76 -26.81 -0.51
CA GLU A 10 15.33 -28.18 -0.58
C GLU A 10 14.11 -28.46 0.29
N GLU A 11 14.09 -27.85 1.48
CA GLU A 11 12.98 -28.01 2.40
C GLU A 11 11.79 -27.27 1.84
N ARG A 12 12.11 -26.13 1.32
CA ARG A 12 11.06 -25.31 0.80
C ARG A 12 10.35 -25.98 -0.31
N MET A 13 11.16 -26.52 -1.17
CA MET A 13 10.62 -27.21 -2.31
C MET A 13 9.71 -28.38 -1.99
N LYS A 14 10.05 -29.18 -0.96
CA LYS A 14 9.22 -30.33 -0.54
C LYS A 14 7.84 -29.86 -0.16
N ILE A 15 7.83 -28.69 0.52
CA ILE A 15 6.60 -28.04 0.88
C ILE A 15 5.80 -27.74 -0.40
N VAL A 16 6.45 -27.07 -1.35
CA VAL A 16 5.88 -26.77 -2.65
C VAL A 16 5.19 -28.02 -3.26
N HIS A 17 5.91 -29.11 -3.20
CA HIS A 17 5.38 -30.35 -3.72
C HIS A 17 4.29 -30.93 -2.86
N GLU A 18 4.41 -30.73 -1.57
CA GLU A 18 3.37 -31.23 -0.68
C GLU A 18 2.07 -30.55 -0.99
N ILE A 19 2.16 -29.21 -1.10
CA ILE A 19 1.01 -28.36 -1.40
C ILE A 19 0.48 -28.63 -2.78
N LYS A 20 1.38 -28.86 -3.71
CA LYS A 20 0.93 -29.12 -5.04
C LYS A 20 -0.01 -30.32 -5.03
N GLU A 21 0.43 -31.41 -4.40
CA GLU A 21 -0.32 -32.66 -4.29
C GLU A 21 -1.71 -32.45 -3.68
N ARG A 22 -1.75 -31.55 -2.72
CA ARG A 22 -2.98 -31.23 -2.07
C ARG A 22 -3.94 -30.46 -2.97
N ILE A 23 -3.41 -29.52 -3.73
CA ILE A 23 -4.25 -28.77 -4.64
C ILE A 23 -4.98 -29.69 -5.63
N LEU A 24 -4.26 -30.66 -6.15
CA LEU A 24 -4.79 -31.62 -7.09
C LEU A 24 -5.73 -32.62 -6.48
N ASP A 25 -5.43 -33.12 -5.29
CA ASP A 25 -6.38 -34.05 -4.69
C ASP A 25 -7.74 -33.33 -4.57
N LYS A 26 -7.70 -32.12 -3.99
CA LYS A 26 -8.87 -31.22 -3.78
C LYS A 26 -9.66 -30.74 -5.00
N TYR A 27 -8.96 -30.12 -5.95
CA TYR A 27 -9.63 -29.58 -7.14
C TYR A 27 -9.66 -30.52 -8.35
N GLY A 28 -8.54 -31.21 -8.51
CA GLY A 28 -8.37 -32.14 -9.61
C GLY A 28 -8.38 -31.47 -10.99
N ASP A 29 -9.41 -31.81 -11.76
CA ASP A 29 -9.64 -31.33 -13.12
C ASP A 29 -9.89 -29.81 -13.20
N ASP A 30 -10.04 -29.16 -12.04
CA ASP A 30 -10.29 -27.74 -12.03
C ASP A 30 -9.04 -26.90 -12.12
N VAL A 31 -7.89 -27.57 -11.85
CA VAL A 31 -6.50 -27.06 -11.85
C VAL A 31 -5.91 -27.13 -13.23
N LYS A 32 -5.46 -25.98 -13.70
CA LYS A 32 -4.92 -25.88 -15.04
C LYS A 32 -3.41 -25.85 -15.10
N ALA A 33 -2.84 -25.34 -14.01
CA ALA A 33 -1.42 -25.16 -13.89
C ALA A 33 -1.13 -24.65 -12.48
N ILE A 34 0.10 -24.79 -12.00
CA ILE A 34 0.53 -24.34 -10.67
C ILE A 34 1.95 -23.81 -10.78
N GLY A 35 2.26 -22.70 -10.12
CA GLY A 35 3.60 -22.12 -10.22
C GLY A 35 4.12 -21.58 -8.90
N VAL A 36 5.45 -21.44 -8.82
CA VAL A 36 6.22 -20.89 -7.72
C VAL A 36 6.75 -19.59 -8.24
N TYR A 37 6.49 -18.57 -7.49
CA TYR A 37 6.93 -17.26 -7.80
C TYR A 37 7.80 -16.82 -6.64
N GLY A 38 8.33 -15.59 -6.72
CA GLY A 38 9.19 -15.07 -5.68
C GLY A 38 10.60 -15.64 -5.69
N SER A 39 11.33 -15.35 -4.61
CA SER A 39 12.67 -15.81 -4.41
C SER A 39 12.81 -17.29 -4.74
N LEU A 40 11.89 -18.08 -4.28
CA LEU A 40 11.96 -19.47 -4.60
C LEU A 40 11.88 -19.67 -6.13
N GLY A 41 10.85 -19.16 -6.77
CA GLY A 41 10.69 -19.34 -8.19
C GLY A 41 11.91 -18.82 -8.96
N ARG A 42 12.64 -17.91 -8.32
CA ARG A 42 13.85 -17.29 -8.86
C ARG A 42 15.05 -18.16 -8.54
N GLN A 43 14.88 -18.92 -7.44
CA GLN A 43 15.90 -19.82 -6.87
C GLN A 43 16.98 -19.04 -6.19
N THR A 44 16.57 -17.91 -5.61
CA THR A 44 17.41 -16.95 -4.92
C THR A 44 16.95 -16.85 -3.48
N ASP A 45 16.04 -17.75 -3.12
CA ASP A 45 15.48 -17.81 -1.79
C ASP A 45 16.54 -17.87 -0.69
N GLY A 46 16.25 -17.08 0.32
CA GLY A 46 17.11 -16.96 1.45
C GLY A 46 16.66 -17.83 2.57
N PRO A 47 17.44 -17.80 3.60
CA PRO A 47 17.16 -18.59 4.76
C PRO A 47 15.76 -18.40 5.39
N TYR A 48 15.34 -17.14 5.58
CA TYR A 48 14.04 -16.82 6.19
C TYR A 48 12.94 -16.63 5.18
N SER A 49 13.19 -16.97 3.93
CA SER A 49 12.18 -16.80 2.90
C SER A 49 10.84 -17.56 3.05
N ASP A 50 9.85 -17.04 2.32
CA ASP A 50 8.50 -17.55 2.34
C ASP A 50 8.18 -18.28 1.05
N ILE A 51 7.01 -18.84 1.00
CA ILE A 51 6.67 -19.53 -0.20
C ILE A 51 5.41 -18.94 -0.76
N GLU A 52 5.51 -18.41 -1.94
CA GLU A 52 4.36 -17.87 -2.55
C GLU A 52 4.07 -18.78 -3.73
N MET A 53 2.84 -19.00 -4.03
CA MET A 53 2.58 -19.80 -5.19
C MET A 53 1.34 -19.26 -5.86
N MET A 54 1.16 -19.65 -7.10
CA MET A 54 0.00 -19.21 -7.82
C MET A 54 -0.55 -20.39 -8.55
N CYS A 55 -1.87 -20.52 -8.52
CA CYS A 55 -2.51 -21.63 -9.14
C CYS A 55 -3.60 -21.13 -10.10
N VAL A 56 -3.71 -21.82 -11.28
CA VAL A 56 -4.65 -21.50 -12.40
C VAL A 56 -5.79 -22.49 -12.53
N MET A 57 -6.95 -21.99 -12.13
CA MET A 57 -8.19 -22.72 -12.16
C MET A 57 -8.91 -22.66 -13.49
N SER A 58 -9.62 -23.74 -13.72
CA SER A 58 -10.41 -23.87 -14.91
C SER A 58 -11.66 -23.01 -14.71
N THR A 59 -12.17 -23.20 -13.50
CA THR A 59 -13.33 -22.62 -12.87
C THR A 59 -13.41 -21.09 -12.92
N GLU A 60 -14.51 -20.62 -13.52
CA GLU A 60 -14.76 -19.21 -13.72
C GLU A 60 -15.15 -18.39 -12.50
N GLU A 61 -14.73 -17.11 -12.61
CA GLU A 61 -14.94 -16.06 -11.63
C GLU A 61 -14.19 -16.36 -10.33
N ALA A 62 -13.24 -17.26 -10.49
CA ALA A 62 -12.40 -17.73 -9.43
C ALA A 62 -11.28 -16.82 -9.10
N GLU A 63 -11.29 -16.39 -7.85
CA GLU A 63 -10.30 -15.53 -7.31
C GLU A 63 -10.22 -15.63 -5.80
N PHE A 64 -9.31 -16.46 -5.35
CA PHE A 64 -9.07 -16.69 -3.95
C PHE A 64 -7.64 -17.09 -3.74
N SER A 65 -7.25 -17.02 -2.47
CA SER A 65 -5.90 -17.27 -2.09
C SER A 65 -5.91 -17.92 -0.71
N HIS A 66 -4.87 -18.64 -0.33
CA HIS A 66 -4.82 -19.26 0.99
C HIS A 66 -3.45 -18.96 1.59
N GLU A 67 -3.38 -18.18 2.68
CA GLU A 67 -2.10 -17.84 3.30
C GLU A 67 -2.02 -18.32 4.70
N TRP A 68 -0.97 -19.05 5.05
CA TRP A 68 -0.88 -19.50 6.42
C TRP A 68 0.52 -19.64 6.92
N THR A 69 0.60 -19.95 8.22
CA THR A 69 1.83 -20.19 8.92
C THR A 69 1.69 -21.46 9.77
N THR A 70 2.81 -21.99 10.21
CA THR A 70 2.81 -23.13 11.06
C THR A 70 3.64 -22.76 12.28
N GLY A 71 3.82 -21.44 12.39
CA GLY A 71 4.60 -20.80 13.40
C GLY A 71 6.06 -20.74 13.02
N GLU A 72 6.46 -21.74 12.25
CA GLU A 72 7.84 -21.86 11.85
C GLU A 72 8.07 -21.27 10.51
N TRP A 73 7.09 -21.45 9.64
CA TRP A 73 7.17 -20.94 8.30
C TRP A 73 5.81 -20.46 7.82
N LYS A 74 5.81 -19.73 6.72
CA LYS A 74 4.63 -19.17 6.14
C LYS A 74 4.53 -19.53 4.68
N VAL A 75 3.28 -19.68 4.16
CA VAL A 75 2.94 -19.97 2.77
C VAL A 75 1.81 -19.11 2.24
N GLU A 76 1.83 -18.91 0.94
CA GLU A 76 0.78 -18.12 0.32
C GLU A 76 0.50 -18.65 -1.04
N VAL A 77 -0.75 -19.01 -1.22
CA VAL A 77 -1.16 -19.60 -2.51
C VAL A 77 -2.34 -18.87 -3.12
N ASN A 78 -2.15 -18.31 -4.32
CA ASN A 78 -3.19 -17.59 -4.99
C ASN A 78 -3.73 -18.34 -6.16
N PHE A 79 -5.03 -18.34 -6.19
CA PHE A 79 -5.74 -19.07 -7.18
C PHE A 79 -6.54 -18.17 -8.05
N TYR A 80 -6.49 -18.42 -9.33
CA TYR A 80 -7.26 -17.62 -10.23
C TYR A 80 -7.80 -18.35 -11.41
N SER A 81 -8.77 -17.71 -12.02
CA SER A 81 -9.36 -18.17 -13.24
C SER A 81 -8.32 -17.88 -14.35
N GLU A 82 -8.37 -18.56 -15.49
CA GLU A 82 -7.37 -18.25 -16.50
C GLU A 82 -7.51 -16.82 -17.02
N GLU A 83 -8.75 -16.33 -17.01
CA GLU A 83 -9.11 -14.97 -17.41
C GLU A 83 -8.56 -13.97 -16.41
N ILE A 84 -9.15 -13.98 -15.22
CA ILE A 84 -8.78 -13.10 -14.11
C ILE A 84 -7.29 -12.84 -13.99
N LEU A 85 -6.49 -13.88 -14.25
CA LEU A 85 -5.03 -13.83 -14.18
C LEU A 85 -4.39 -13.05 -15.32
N LEU A 86 -4.92 -13.30 -16.54
CA LEU A 86 -4.51 -12.64 -17.76
C LEU A 86 -4.77 -11.15 -17.61
N ASP A 87 -6.02 -10.80 -17.34
CA ASP A 87 -6.36 -9.40 -17.14
C ASP A 87 -5.45 -8.77 -16.14
N TYR A 88 -5.28 -9.46 -15.06
CA TYR A 88 -4.42 -8.94 -14.05
C TYR A 88 -3.03 -8.72 -14.58
N ALA A 89 -2.49 -9.74 -15.22
CA ALA A 89 -1.16 -9.62 -15.78
C ALA A 89 -0.98 -8.51 -16.79
N SER A 90 -2.10 -8.01 -17.30
CA SER A 90 -2.17 -6.93 -18.30
C SER A 90 -2.38 -5.55 -17.66
N GLN A 91 -2.24 -5.44 -16.33
CA GLN A 91 -2.48 -4.17 -15.70
C GLN A 91 -1.26 -3.40 -15.22
N VAL A 92 -1.06 -2.33 -15.89
CA VAL A 92 0.00 -1.50 -15.45
C VAL A 92 -0.51 -0.47 -14.51
N GLU A 93 0.09 -0.50 -13.34
CA GLU A 93 -0.27 0.40 -12.29
C GLU A 93 0.96 0.97 -11.60
N SER A 94 0.70 1.95 -10.77
CA SER A 94 1.70 2.69 -10.05
C SER A 94 2.76 1.85 -9.37
N ASP A 95 2.44 0.56 -9.11
CA ASP A 95 3.35 -0.34 -8.42
C ASP A 95 3.64 -1.59 -9.21
N TRP A 96 3.51 -1.38 -10.48
CA TRP A 96 3.67 -2.40 -11.45
C TRP A 96 5.06 -2.97 -11.33
N PRO A 97 6.09 -2.11 -11.27
CA PRO A 97 7.47 -2.58 -11.16
C PRO A 97 7.72 -3.38 -9.91
N LEU A 98 6.80 -3.26 -8.97
CA LEU A 98 6.92 -3.99 -7.72
C LEU A 98 6.19 -5.28 -7.77
N THR A 99 4.92 -5.20 -8.22
CA THR A 99 4.00 -6.31 -8.31
C THR A 99 4.21 -7.28 -9.47
N HIS A 100 4.32 -6.75 -10.67
CA HIS A 100 4.44 -7.59 -11.83
C HIS A 100 5.75 -8.32 -12.10
N GLY A 101 6.73 -8.24 -11.23
CA GLY A 101 7.93 -9.02 -11.54
C GLY A 101 7.64 -10.51 -11.31
N GLN A 102 6.54 -10.73 -10.63
CA GLN A 102 6.07 -12.05 -10.30
C GLN A 102 5.70 -12.87 -11.52
N PHE A 103 5.44 -12.20 -12.64
CA PHE A 103 5.05 -12.89 -13.86
C PHE A 103 6.22 -13.32 -14.79
N PHE A 104 7.41 -12.88 -14.47
CA PHE A 104 8.58 -13.20 -15.24
C PHE A 104 9.51 -14.11 -14.47
N SER A 105 9.06 -14.45 -13.26
CA SER A 105 9.80 -15.27 -12.31
C SER A 105 9.16 -16.61 -11.95
N ILE A 106 8.01 -16.91 -12.55
CA ILE A 106 7.32 -18.17 -12.27
C ILE A 106 8.20 -19.40 -12.42
N LEU A 107 8.08 -20.31 -11.49
CA LEU A 107 8.82 -21.55 -11.57
C LEU A 107 7.76 -22.62 -11.76
N PRO A 108 7.60 -23.15 -12.98
CA PRO A 108 6.55 -24.13 -13.22
C PRO A 108 6.72 -25.43 -12.50
N ILE A 109 5.60 -25.85 -11.92
CA ILE A 109 5.45 -27.05 -11.13
C ILE A 109 4.40 -28.04 -11.76
N TYR A 110 3.48 -27.48 -12.52
CA TYR A 110 2.45 -28.26 -13.18
C TYR A 110 1.67 -27.37 -14.14
N ASP A 111 1.65 -27.75 -15.42
CA ASP A 111 0.96 -26.98 -16.44
C ASP A 111 0.15 -27.89 -17.30
N SER A 112 -1.16 -27.80 -17.31
CA SER A 112 -1.77 -28.76 -18.18
C SER A 112 -1.74 -28.40 -19.68
N GLY A 113 -1.41 -27.15 -19.98
CA GLY A 113 -1.41 -26.76 -21.39
C GLY A 113 -0.68 -25.44 -21.70
N GLY A 114 0.42 -25.18 -21.00
CA GLY A 114 1.22 -23.98 -21.21
C GLY A 114 0.55 -22.72 -20.70
N TYR A 115 -0.30 -22.86 -19.70
CA TYR A 115 -0.97 -21.69 -19.17
C TYR A 115 0.01 -20.65 -18.64
N LEU A 116 1.07 -21.14 -18.04
CA LEU A 116 2.12 -20.32 -17.45
C LEU A 116 2.89 -19.46 -18.44
N GLU A 117 3.16 -19.94 -19.70
CA GLU A 117 3.83 -19.11 -20.71
C GLU A 117 2.89 -18.03 -21.15
N LYS A 118 1.66 -18.48 -21.39
CA LYS A 118 0.59 -17.59 -21.82
C LYS A 118 0.60 -16.40 -20.90
N VAL A 119 0.61 -16.69 -19.62
CA VAL A 119 0.62 -15.67 -18.61
C VAL A 119 1.81 -14.72 -18.82
N TYR A 120 2.98 -15.29 -18.85
CA TYR A 120 4.21 -14.58 -19.02
C TYR A 120 4.21 -13.65 -20.24
N GLN A 121 3.78 -14.22 -21.33
CA GLN A 121 3.76 -13.49 -22.58
C GLN A 121 2.92 -12.28 -22.50
N THR A 122 1.76 -12.51 -21.92
CA THR A 122 0.78 -11.46 -21.74
C THR A 122 1.31 -10.32 -20.92
N ALA A 123 2.04 -10.71 -19.92
CA ALA A 123 2.65 -9.77 -19.06
C ALA A 123 3.69 -9.05 -19.86
N LYS A 124 4.33 -9.84 -20.68
CA LYS A 124 5.37 -9.35 -21.50
C LYS A 124 4.92 -8.42 -22.64
N SER A 125 3.70 -8.54 -23.06
CA SER A 125 3.26 -7.69 -24.15
C SER A 125 2.41 -6.47 -23.76
N VAL A 126 2.96 -5.57 -22.96
CA VAL A 126 2.18 -4.41 -22.57
C VAL A 126 2.49 -3.25 -23.51
N GLU A 127 1.44 -2.54 -23.87
CA GLU A 127 1.49 -1.39 -24.75
C GLU A 127 2.18 -0.25 -24.07
N ALA A 128 2.92 0.44 -24.86
CA ALA A 128 3.66 1.52 -24.34
C ALA A 128 2.82 2.59 -23.68
N GLN A 129 1.69 2.87 -24.27
CA GLN A 129 0.77 3.90 -23.80
C GLN A 129 0.45 3.71 -22.35
N THR A 130 0.07 2.47 -22.08
CA THR A 130 -0.31 1.96 -20.78
C THR A 130 0.62 2.46 -19.67
N PHE A 131 1.94 2.40 -19.94
CA PHE A 131 3.01 2.83 -19.05
C PHE A 131 3.10 4.33 -18.88
N HIS A 132 2.65 5.04 -19.90
CA HIS A 132 2.67 6.47 -19.93
C HIS A 132 1.58 6.95 -19.00
N ASP A 133 0.40 6.47 -19.30
CA ASP A 133 -0.79 6.75 -18.52
C ASP A 133 -0.53 6.54 -17.02
N ALA A 134 0.23 5.49 -16.75
CA ALA A 134 0.58 5.08 -15.41
C ALA A 134 1.59 6.01 -14.77
N ILE A 135 2.44 6.59 -15.58
CA ILE A 135 3.36 7.54 -15.01
C ILE A 135 2.51 8.75 -14.66
N CYS A 136 1.71 9.21 -15.64
CA CYS A 136 0.85 10.35 -15.45
C CYS A 136 0.01 10.24 -14.21
N ALA A 137 -0.78 9.19 -14.10
CA ALA A 137 -1.56 8.99 -12.88
C ALA A 137 -0.72 9.09 -11.57
N LEU A 138 0.37 8.32 -11.52
CA LEU A 138 1.28 8.31 -10.38
C LEU A 138 1.64 9.72 -9.94
N ILE A 139 1.78 10.63 -10.89
CA ILE A 139 2.15 12.00 -10.55
C ILE A 139 0.99 12.77 -9.87
N VAL A 140 -0.17 12.80 -10.54
CA VAL A 140 -1.34 13.48 -10.04
C VAL A 140 -1.71 12.86 -8.68
N GLU A 141 -2.00 11.56 -8.71
CA GLU A 141 -2.39 10.80 -7.55
C GLU A 141 -1.34 10.59 -6.50
N GLU A 142 -0.08 10.61 -6.83
CA GLU A 142 0.86 10.34 -5.76
C GLU A 142 1.83 11.44 -5.48
N LEU A 143 2.90 11.51 -6.26
CA LEU A 143 3.92 12.52 -6.06
C LEU A 143 3.40 13.92 -5.64
N PHE A 144 2.37 14.33 -6.32
CA PHE A 144 1.76 15.60 -6.05
C PHE A 144 1.37 15.70 -4.60
N GLU A 145 0.63 14.70 -4.17
CA GLU A 145 0.15 14.62 -2.80
C GLU A 145 1.25 14.70 -1.75
N TYR A 146 2.27 13.83 -1.84
CA TYR A 146 3.40 13.87 -0.95
C TYR A 146 3.95 15.30 -0.91
N ALA A 147 4.12 15.87 -2.11
CA ALA A 147 4.60 17.26 -2.29
C ALA A 147 3.92 18.19 -1.30
N GLY A 148 2.58 18.11 -1.29
CA GLY A 148 1.68 18.84 -0.41
C GLY A 148 2.00 18.56 1.05
N LYS A 149 1.89 17.31 1.47
CA LYS A 149 2.23 16.95 2.84
C LYS A 149 3.61 17.41 3.25
N TRP A 150 4.63 17.26 2.40
CA TRP A 150 5.96 17.73 2.82
C TRP A 150 6.11 19.23 2.93
N ARG A 151 5.34 19.96 2.13
CA ARG A 151 5.36 21.40 2.17
C ARG A 151 4.64 21.94 3.41
N ASN A 152 3.66 21.18 3.88
CA ASN A 152 2.95 21.53 5.08
C ASN A 152 3.81 21.19 6.30
N ILE A 153 4.58 20.11 6.21
CA ILE A 153 5.42 19.72 7.31
C ILE A 153 6.38 20.82 7.68
N ARG A 154 6.96 21.40 6.65
CA ARG A 154 7.84 22.54 6.81
C ARG A 154 7.08 23.52 7.69
N VAL A 155 6.04 24.07 7.03
CA VAL A 155 5.04 25.01 7.50
C VAL A 155 4.58 24.75 8.91
N GLN A 156 3.77 23.70 9.10
CA GLN A 156 3.20 23.39 10.38
C GLN A 156 3.54 22.02 11.06
N GLY A 157 4.62 21.35 10.67
CA GLY A 157 4.95 20.07 11.30
C GLY A 157 3.95 19.02 10.89
N PRO A 158 4.18 17.74 11.26
CA PRO A 158 5.31 17.33 12.08
C PRO A 158 6.36 16.69 11.27
N THR A 159 7.58 16.84 11.76
CA THR A 159 8.71 16.24 11.13
C THR A 159 8.86 14.78 11.54
N THR A 160 8.04 14.35 12.50
CA THR A 160 8.04 12.96 12.94
C THR A 160 7.50 12.07 11.86
N PHE A 161 6.99 12.73 10.83
CA PHE A 161 6.43 12.04 9.69
C PHE A 161 7.37 12.15 8.54
N LEU A 162 8.25 13.12 8.63
CA LEU A 162 9.23 13.33 7.58
C LEU A 162 10.03 12.08 7.25
N PRO A 163 10.49 11.33 8.24
CA PRO A 163 11.28 10.20 7.88
C PRO A 163 10.50 9.15 7.12
N SER A 164 9.24 8.95 7.50
CA SER A 164 8.37 7.97 6.83
C SER A 164 7.95 8.44 5.41
N LEU A 165 7.59 9.74 5.24
CA LEU A 165 7.17 10.27 3.93
C LEU A 165 8.23 10.07 2.85
N THR A 166 9.46 10.44 3.19
CA THR A 166 10.64 10.31 2.36
C THR A 166 10.75 8.92 1.75
N VAL A 167 10.69 7.91 2.60
CA VAL A 167 10.70 6.55 2.14
C VAL A 167 9.60 6.35 1.10
N GLN A 168 8.35 6.73 1.44
CA GLN A 168 7.24 6.59 0.51
C GLN A 168 7.65 7.23 -0.82
N VAL A 169 8.12 8.45 -0.70
CA VAL A 169 8.57 9.22 -1.86
C VAL A 169 9.72 8.54 -2.60
N ALA A 170 10.69 7.99 -1.86
CA ALA A 170 11.83 7.31 -2.47
C ALA A 170 11.34 6.12 -3.33
N MET A 171 10.33 5.46 -2.79
CA MET A 171 9.69 4.37 -3.43
C MET A 171 8.98 4.85 -4.65
N ALA A 172 8.15 5.89 -4.46
CA ALA A 172 7.37 6.43 -5.57
C ALA A 172 8.22 6.71 -6.78
N GLY A 173 9.33 7.33 -6.57
CA GLY A 173 10.18 7.60 -7.70
C GLY A 173 10.65 6.32 -8.33
N ALA A 174 10.95 5.30 -7.53
CA ALA A 174 11.40 4.05 -8.10
C ALA A 174 10.38 3.40 -9.00
N MET A 175 9.13 3.55 -8.67
CA MET A 175 8.10 2.98 -9.48
C MET A 175 7.98 3.79 -10.74
N LEU A 176 8.38 5.03 -10.60
CA LEU A 176 8.36 5.98 -11.68
C LEU A 176 9.38 5.55 -12.72
N ILE A 177 10.53 5.21 -12.21
CA ILE A 177 11.65 4.80 -13.02
C ILE A 177 11.30 3.55 -13.81
N GLY A 178 10.93 2.52 -13.05
CA GLY A 178 10.54 1.23 -13.55
C GLY A 178 9.43 1.31 -14.60
N LEU A 179 8.38 2.11 -14.37
CA LEU A 179 7.30 2.26 -15.34
C LEU A 179 7.83 2.85 -16.65
N HIS A 180 8.74 3.79 -16.46
CA HIS A 180 9.45 4.46 -17.53
C HIS A 180 10.21 3.44 -18.34
N HIS A 181 11.09 2.71 -17.62
CA HIS A 181 11.98 1.71 -18.23
C HIS A 181 11.39 0.32 -18.45
N ARG A 182 10.12 0.10 -18.15
CA ARG A 182 9.51 -1.22 -18.35
C ARG A 182 10.15 -2.43 -17.65
N ILE A 183 10.82 -2.12 -16.54
CA ILE A 183 11.50 -3.01 -15.60
C ILE A 183 10.59 -3.37 -14.44
N CYS A 184 10.80 -4.53 -13.90
CA CYS A 184 10.15 -5.00 -12.72
C CYS A 184 11.31 -5.24 -11.72
N TYR A 185 11.14 -4.89 -10.45
CA TYR A 185 12.22 -5.10 -9.50
C TYR A 185 12.21 -6.53 -9.00
N THR A 186 13.42 -7.05 -8.71
CA THR A 186 13.59 -8.40 -8.23
C THR A 186 12.71 -8.57 -7.02
N THR A 187 13.19 -8.08 -5.89
CA THR A 187 12.41 -8.14 -4.70
C THR A 187 12.08 -6.72 -4.24
N SER A 188 11.41 -6.62 -3.11
CA SER A 188 11.03 -5.35 -2.52
C SER A 188 12.23 -4.62 -1.95
N ALA A 189 13.20 -5.44 -1.52
CA ALA A 189 14.45 -5.01 -0.88
C ALA A 189 15.53 -4.53 -1.82
N SER A 190 15.41 -4.93 -3.08
CA SER A 190 16.39 -4.59 -4.10
C SER A 190 16.00 -3.34 -4.86
N VAL A 191 14.73 -2.96 -4.61
CA VAL A 191 14.09 -1.81 -5.23
C VAL A 191 14.91 -0.53 -5.26
N LEU A 192 15.30 -0.07 -4.08
CA LEU A 192 16.08 1.13 -4.08
C LEU A 192 17.41 0.94 -4.82
N THR A 193 18.11 -0.16 -4.53
CA THR A 193 19.39 -0.44 -5.12
C THR A 193 19.38 -0.59 -6.63
N GLU A 194 18.28 -1.07 -7.18
CA GLU A 194 18.14 -1.25 -8.61
C GLU A 194 17.65 0.01 -9.32
N ALA A 195 16.84 0.80 -8.65
CA ALA A 195 16.31 2.00 -9.23
C ALA A 195 17.41 3.01 -9.45
N VAL A 196 18.22 3.17 -8.42
CA VAL A 196 19.33 4.10 -8.38
C VAL A 196 20.43 3.77 -9.40
N LYS A 197 20.21 2.75 -10.25
CA LYS A 197 21.18 2.33 -11.26
C LYS A 197 20.77 2.69 -12.69
N GLN A 198 19.46 2.68 -12.92
CA GLN A 198 18.91 3.02 -14.22
C GLN A 198 19.53 4.28 -14.80
N SER A 199 19.19 4.50 -16.06
CA SER A 199 19.75 5.59 -16.81
C SER A 199 19.18 6.99 -16.64
N ASP A 200 18.00 7.28 -17.22
CA ASP A 200 17.40 8.62 -17.17
C ASP A 200 16.68 8.80 -15.87
N LEU A 201 17.49 9.08 -14.83
CA LEU A 201 17.12 9.29 -13.45
C LEU A 201 16.83 10.74 -13.18
N PRO A 202 15.72 11.02 -12.48
CA PRO A 202 15.43 12.39 -12.20
C PRO A 202 16.41 13.03 -11.27
N SER A 203 16.63 14.28 -11.62
CA SER A 203 17.53 15.11 -10.89
C SER A 203 17.01 15.09 -9.45
N GLY A 204 17.93 14.97 -8.50
CA GLY A 204 17.59 14.92 -7.09
C GLY A 204 17.23 13.54 -6.55
N TYR A 205 16.98 12.57 -7.45
CA TYR A 205 16.63 11.21 -7.04
C TYR A 205 17.67 10.45 -6.21
N ASP A 206 18.81 10.15 -6.81
CA ASP A 206 19.89 9.41 -6.14
C ASP A 206 20.27 10.00 -4.79
N HIS A 207 20.35 11.29 -4.77
CA HIS A 207 20.68 12.01 -3.57
C HIS A 207 19.68 11.67 -2.45
N LEU A 208 18.38 11.61 -2.80
CA LEU A 208 17.31 11.23 -1.85
C LEU A 208 17.49 9.79 -1.40
N CYS A 209 17.63 8.90 -2.36
CA CYS A 209 17.85 7.52 -2.06
C CYS A 209 19.02 7.37 -1.07
N GLN A 210 19.93 8.32 -1.12
CA GLN A 210 21.08 8.27 -0.25
C GLN A 210 20.64 8.20 1.15
N PHE A 211 19.82 9.19 1.47
CA PHE A 211 19.22 9.37 2.76
C PHE A 211 18.45 8.14 3.19
N VAL A 212 17.48 7.82 2.35
CA VAL A 212 16.64 6.70 2.60
C VAL A 212 17.40 5.37 2.76
N MET A 213 18.46 5.20 1.98
CA MET A 213 19.22 3.95 2.00
C MET A 213 20.23 3.82 3.13
N SER A 214 20.73 4.96 3.58
CA SER A 214 21.74 4.99 4.62
C SER A 214 21.11 4.94 5.99
N GLY A 215 19.87 5.44 6.06
CA GLY A 215 19.12 5.46 7.31
C GLY A 215 19.29 6.78 8.03
N GLN A 216 20.03 7.67 7.41
CA GLN A 216 20.26 8.94 8.04
C GLN A 216 19.14 9.92 7.73
N LEU A 217 17.91 9.61 8.14
CA LEU A 217 16.79 10.51 7.87
C LEU A 217 16.44 11.42 9.04
N SER A 218 17.44 11.74 9.89
CA SER A 218 17.29 12.56 11.09
C SER A 218 17.22 14.09 10.92
N ASP A 219 17.92 14.64 9.91
CA ASP A 219 17.97 16.08 9.59
C ASP A 219 16.89 16.50 8.60
N SER A 220 15.78 16.98 9.14
CA SER A 220 14.66 17.39 8.34
C SER A 220 14.88 18.61 7.46
N GLU A 221 15.90 19.41 7.77
CA GLU A 221 16.15 20.55 6.92
C GLU A 221 16.53 20.07 5.55
N LYS A 222 17.54 19.16 5.56
CA LYS A 222 18.10 18.48 4.39
C LYS A 222 17.07 17.67 3.64
N LEU A 223 16.39 16.79 4.36
CA LEU A 223 15.40 15.96 3.73
C LEU A 223 14.36 16.82 2.97
N LEU A 224 14.09 18.01 3.52
CA LEU A 224 13.13 18.96 2.97
C LEU A 224 13.48 19.49 1.60
N GLU A 225 14.76 19.80 1.46
CA GLU A 225 15.34 20.29 0.24
C GLU A 225 15.35 19.23 -0.85
N SER A 226 15.81 18.00 -0.48
CA SER A 226 15.92 16.82 -1.37
C SER A 226 14.61 16.53 -2.04
N LEU A 227 13.58 16.54 -1.20
CA LEU A 227 12.26 16.31 -1.69
C LEU A 227 12.01 17.42 -2.72
N GLU A 228 12.31 18.64 -2.30
CA GLU A 228 12.19 19.83 -3.11
C GLU A 228 12.96 19.70 -4.42
N ASN A 229 14.23 19.35 -4.32
CA ASN A 229 15.05 19.20 -5.51
C ASN A 229 14.53 18.11 -6.42
N PHE A 230 14.25 16.99 -5.81
CA PHE A 230 13.73 15.86 -6.53
C PHE A 230 12.50 16.19 -7.40
N TRP A 231 11.55 16.85 -6.75
CA TRP A 231 10.30 17.31 -7.32
C TRP A 231 10.59 18.17 -8.52
N ASN A 232 11.63 19.01 -8.40
CA ASN A 232 11.99 19.86 -9.51
C ASN A 232 12.73 19.04 -10.57
N GLY A 233 13.55 18.08 -10.15
CA GLY A 233 14.23 17.23 -11.10
C GLY A 233 13.20 16.49 -11.91
N ILE A 234 12.04 16.41 -11.30
CA ILE A 234 10.92 15.73 -11.87
C ILE A 234 10.13 16.52 -12.89
N GLN A 235 9.79 17.74 -12.54
CA GLN A 235 9.00 18.55 -13.43
C GLN A 235 9.59 18.57 -14.82
N GLU A 236 10.92 18.59 -14.81
CA GLU A 236 11.80 18.61 -15.97
C GLU A 236 11.73 17.31 -16.73
N TRP A 237 12.22 16.28 -16.07
CA TRP A 237 12.23 14.91 -16.52
C TRP A 237 10.97 14.56 -17.26
N THR A 238 9.84 14.96 -16.67
CA THR A 238 8.58 14.68 -17.28
C THR A 238 8.43 15.30 -18.63
N GLU A 239 8.81 16.60 -18.71
CA GLU A 239 8.73 17.37 -19.94
C GLU A 239 9.54 16.73 -21.04
N ARG A 240 10.81 16.59 -20.74
CA ARG A 240 11.72 15.99 -21.65
C ARG A 240 11.33 14.59 -22.07
N HIS A 241 10.68 13.81 -21.18
CA HIS A 241 10.27 12.43 -21.50
C HIS A 241 8.90 12.28 -22.14
N GLY A 242 8.06 13.34 -22.00
CA GLY A 242 6.74 13.36 -22.57
C GLY A 242 5.60 13.01 -21.65
N TYR A 243 5.92 12.78 -20.39
CA TYR A 243 4.86 12.48 -19.45
C TYR A 243 4.47 13.75 -18.89
N ILE A 244 3.55 14.34 -19.61
CA ILE A 244 3.02 15.63 -19.31
C ILE A 244 1.60 15.51 -18.81
N VAL A 245 1.35 15.97 -17.60
CA VAL A 245 0.02 15.87 -17.07
C VAL A 245 -0.89 17.04 -17.44
N ASP A 246 -2.16 16.70 -17.76
CA ASP A 246 -3.20 17.69 -18.11
C ASP A 246 -3.74 18.50 -16.92
N VAL A 247 -3.15 19.66 -16.79
CA VAL A 247 -3.53 20.55 -15.76
C VAL A 247 -4.72 21.43 -16.12
N SER A 248 -4.73 21.91 -17.34
CA SER A 248 -5.73 22.78 -17.94
C SER A 248 -7.08 22.86 -17.24
N LYS A 249 -7.84 21.76 -17.30
CA LYS A 249 -9.19 21.66 -16.77
C LYS A 249 -9.44 21.81 -15.26
N ARG A 250 -10.06 22.94 -14.88
CA ARG A 250 -10.43 23.17 -13.48
C ARG A 250 -11.44 22.08 -13.11
N ILE A 251 -12.32 21.75 -14.04
CA ILE A 251 -13.30 20.71 -13.78
C ILE A 251 -13.31 19.61 -14.82
N PRO A 252 -12.44 18.66 -14.59
CA PRO A 252 -12.22 17.50 -15.44
C PRO A 252 -13.49 16.85 -15.93
N PHE A 253 -14.59 17.16 -15.32
CA PHE A 253 -15.75 16.46 -15.79
C PHE A 253 -16.99 17.34 -15.80
N MET B 1 5.20 22.39 -13.65
CA MET B 1 4.28 22.18 -12.54
C MET B 1 4.80 22.67 -11.19
N ASN B 2 4.08 23.64 -10.67
CA ASN B 2 4.46 24.23 -9.42
C ASN B 2 4.11 23.50 -8.18
N GLY B 3 3.33 22.45 -8.28
CA GLY B 3 3.05 21.76 -7.06
C GLY B 3 2.17 22.59 -6.17
N PRO B 4 1.51 21.90 -5.26
CA PRO B 4 0.55 22.50 -4.36
C PRO B 4 1.01 23.84 -3.84
N ILE B 5 0.13 24.79 -3.97
CA ILE B 5 0.42 26.09 -3.50
C ILE B 5 -0.32 26.28 -2.23
N ILE B 6 -0.17 27.45 -1.77
CA ILE B 6 -0.78 27.87 -0.58
C ILE B 6 -2.27 28.22 -0.78
N MET B 7 -3.15 27.53 -0.04
CA MET B 7 -4.57 27.82 -0.03
C MET B 7 -5.16 28.06 1.37
N THR B 8 -6.46 28.34 1.40
CA THR B 8 -7.16 28.63 2.65
C THR B 8 -8.45 27.90 2.63
N ARG B 9 -9.13 27.83 3.75
CA ARG B 9 -10.37 27.09 3.72
C ARG B 9 -11.36 27.70 2.72
N GLU B 10 -11.32 29.03 2.62
CA GLU B 10 -12.19 29.80 1.74
C GLU B 10 -12.01 29.39 0.32
N GLU B 11 -10.74 29.43 -0.10
CA GLU B 11 -10.42 29.01 -1.45
C GLU B 11 -10.96 27.62 -1.70
N ARG B 12 -10.47 26.68 -0.87
CA ARG B 12 -10.89 25.29 -0.88
C ARG B 12 -12.39 25.21 -0.97
N MET B 13 -13.03 25.76 0.04
CA MET B 13 -14.48 25.70 0.09
C MET B 13 -15.17 26.21 -1.14
N LYS B 14 -14.49 27.14 -1.80
CA LYS B 14 -15.04 27.74 -3.00
C LYS B 14 -15.23 26.74 -4.15
N ILE B 15 -14.23 25.87 -4.29
CA ILE B 15 -14.12 24.82 -5.30
C ILE B 15 -15.01 23.66 -5.03
N VAL B 16 -15.09 23.40 -3.78
CA VAL B 16 -15.95 22.38 -3.29
C VAL B 16 -17.32 22.69 -3.84
N HIS B 17 -17.78 23.92 -3.58
CA HIS B 17 -19.09 24.31 -4.10
C HIS B 17 -19.18 24.34 -5.62
N GLU B 18 -18.10 24.73 -6.26
CA GLU B 18 -18.12 24.75 -7.71
C GLU B 18 -18.30 23.34 -8.24
N ILE B 19 -17.60 22.42 -7.53
CA ILE B 19 -17.58 20.98 -7.78
C ILE B 19 -18.95 20.42 -7.49
N LYS B 20 -19.45 20.89 -6.40
CA LYS B 20 -20.78 20.56 -5.96
C LYS B 20 -21.81 20.90 -7.05
N GLU B 21 -21.56 21.97 -7.74
CA GLU B 21 -22.51 22.32 -8.76
C GLU B 21 -22.45 21.47 -10.01
N ARG B 22 -21.24 21.21 -10.52
CA ARG B 22 -21.08 20.37 -11.71
C ARG B 22 -21.73 19.02 -11.48
N ILE B 23 -21.53 18.49 -10.27
CA ILE B 23 -22.09 17.21 -9.94
C ILE B 23 -23.58 17.27 -10.03
N LEU B 24 -24.14 18.34 -9.43
CA LEU B 24 -25.58 18.52 -9.47
C LEU B 24 -26.12 18.78 -10.87
N ASP B 25 -25.42 19.59 -11.66
CA ASP B 25 -25.85 19.78 -13.04
C ASP B 25 -25.59 18.53 -13.83
N LYS B 26 -24.45 17.89 -13.54
CA LYS B 26 -24.04 16.68 -14.23
C LYS B 26 -24.84 15.42 -13.94
N TYR B 27 -25.03 15.10 -12.68
CA TYR B 27 -25.76 13.88 -12.42
C TYR B 27 -27.18 14.10 -11.93
N GLY B 28 -27.41 15.35 -11.49
CA GLY B 28 -28.70 15.82 -10.98
C GLY B 28 -29.27 14.91 -9.90
N ASP B 29 -30.50 14.42 -10.18
CA ASP B 29 -31.30 13.53 -9.31
C ASP B 29 -30.65 12.14 -9.08
N ASP B 30 -29.54 11.86 -9.74
CA ASP B 30 -28.91 10.59 -9.48
C ASP B 30 -27.99 10.72 -8.27
N VAL B 31 -27.77 12.00 -7.85
CA VAL B 31 -26.95 12.42 -6.70
C VAL B 31 -27.74 12.36 -5.40
N LYS B 32 -27.37 11.43 -4.57
CA LYS B 32 -28.06 11.29 -3.35
C LYS B 32 -27.42 12.11 -2.25
N ALA B 33 -26.10 12.22 -2.28
CA ALA B 33 -25.39 12.98 -1.27
C ALA B 33 -23.97 13.26 -1.67
N ILE B 34 -23.56 14.46 -1.38
CA ILE B 34 -22.22 14.94 -1.66
C ILE B 34 -21.58 15.42 -0.39
N GLY B 35 -20.37 15.00 -0.09
CA GLY B 35 -19.80 15.45 1.15
C GLY B 35 -18.35 15.66 1.02
N VAL B 36 -17.73 16.17 2.08
CA VAL B 36 -16.31 16.43 2.06
C VAL B 36 -15.62 15.73 3.16
N TYR B 37 -14.45 15.20 2.86
CA TYR B 37 -13.69 14.58 3.91
C TYR B 37 -12.29 15.11 3.83
N GLY B 38 -11.48 14.52 4.67
CA GLY B 38 -10.10 14.90 4.78
C GLY B 38 -9.95 16.04 5.73
N SER B 39 -8.72 16.56 5.72
CA SER B 39 -8.36 17.69 6.54
C SER B 39 -9.37 18.82 6.42
N LEU B 40 -9.87 19.00 5.21
CA LEU B 40 -10.86 19.98 5.00
C LEU B 40 -12.05 19.65 5.89
N GLY B 41 -12.69 18.52 5.57
CA GLY B 41 -13.88 17.98 6.26
C GLY B 41 -13.96 18.27 7.77
N ARG B 42 -12.80 18.19 8.42
CA ARG B 42 -12.75 18.44 9.86
C ARG B 42 -12.39 19.87 10.14
N GLN B 43 -11.86 20.47 9.09
CA GLN B 43 -11.38 21.81 9.07
C GLN B 43 -10.05 21.93 9.73
N THR B 44 -9.34 20.81 9.71
CA THR B 44 -8.01 20.77 10.25
C THR B 44 -7.04 21.03 9.09
N ASP B 45 -7.63 21.43 7.96
CA ASP B 45 -6.85 21.71 6.75
C ASP B 45 -5.71 22.72 6.89
N GLY B 46 -4.68 22.50 6.05
CA GLY B 46 -3.46 23.29 6.04
C GLY B 46 -3.16 23.94 4.69
N PRO B 47 -2.29 24.95 4.74
CA PRO B 47 -1.88 25.73 3.57
C PRO B 47 -1.80 24.90 2.29
N TYR B 48 -1.00 23.82 2.33
CA TYR B 48 -0.84 22.98 1.17
C TYR B 48 -1.72 21.73 1.10
N SER B 49 -2.78 21.64 1.94
CA SER B 49 -3.71 20.50 1.95
C SER B 49 -4.57 20.40 0.66
N ASP B 50 -5.10 19.19 0.43
CA ASP B 50 -5.91 18.91 -0.74
C ASP B 50 -7.38 18.67 -0.44
N ILE B 51 -8.14 18.53 -1.50
CA ILE B 51 -9.59 18.35 -1.49
C ILE B 51 -10.08 16.96 -1.77
N GLU B 52 -10.85 16.48 -0.82
CA GLU B 52 -11.44 15.20 -0.97
C GLU B 52 -12.93 15.30 -0.79
N MET B 53 -13.61 14.76 -1.78
CA MET B 53 -15.04 14.70 -1.76
C MET B 53 -15.51 13.31 -2.03
N MET B 54 -16.78 13.11 -1.82
CA MET B 54 -17.32 11.81 -2.01
C MET B 54 -18.78 11.96 -2.28
N CYS B 55 -19.26 11.27 -3.28
CA CYS B 55 -20.63 11.41 -3.62
C CYS B 55 -21.32 10.05 -3.77
N VAL B 56 -22.55 10.01 -3.28
CA VAL B 56 -23.36 8.83 -3.30
C VAL B 56 -24.36 8.87 -4.40
N MET B 57 -24.59 7.74 -5.02
CA MET B 57 -25.55 7.77 -6.06
C MET B 57 -26.50 6.64 -6.09
N SER B 58 -27.60 6.92 -6.76
CA SER B 58 -28.67 5.98 -6.93
C SER B 58 -28.30 4.91 -7.95
N THR B 59 -27.42 5.28 -8.89
CA THR B 59 -26.98 4.34 -9.90
C THR B 59 -26.48 3.05 -9.24
N GLU B 60 -26.88 1.92 -9.77
CA GLU B 60 -26.48 0.63 -9.25
C GLU B 60 -24.99 0.37 -9.41
N GLU B 61 -24.58 0.45 -10.68
CA GLU B 61 -23.20 0.26 -11.17
C GLU B 61 -22.28 1.42 -10.81
N ALA B 62 -22.43 1.95 -9.61
CA ALA B 62 -21.62 3.09 -9.27
C ALA B 62 -20.42 2.80 -8.40
N GLU B 63 -19.27 3.06 -8.97
CA GLU B 63 -18.05 2.96 -8.24
C GLU B 63 -16.92 3.42 -9.07
N PHE B 64 -16.88 4.71 -9.27
CA PHE B 64 -15.91 5.32 -10.11
C PHE B 64 -15.36 6.61 -9.51
N SER B 65 -14.41 7.25 -10.20
CA SER B 65 -13.80 8.47 -9.68
C SER B 65 -13.23 9.48 -10.66
N HIS B 66 -12.75 10.55 -10.05
CA HIS B 66 -12.14 11.68 -10.71
C HIS B 66 -11.14 12.35 -9.77
N GLU B 67 -9.85 12.28 -10.13
CA GLU B 67 -8.73 12.93 -9.44
C GLU B 67 -7.97 13.77 -10.43
N TRP B 68 -7.67 15.00 -10.07
CA TRP B 68 -6.94 15.83 -11.01
C TRP B 68 -6.19 16.98 -10.36
N THR B 69 -5.33 17.54 -11.18
CA THR B 69 -4.58 18.68 -10.82
C THR B 69 -4.76 19.70 -11.93
N THR B 70 -4.42 20.91 -11.57
CA THR B 70 -4.42 22.07 -12.41
C THR B 70 -3.00 22.58 -12.49
N GLY B 71 -2.17 22.02 -11.61
CA GLY B 71 -0.76 22.36 -11.55
C GLY B 71 -0.35 22.93 -10.20
N GLU B 72 -1.35 23.54 -9.52
CA GLU B 72 -1.21 24.12 -8.20
C GLU B 72 -2.19 23.51 -7.19
N TRP B 73 -3.07 22.68 -7.70
CA TRP B 73 -4.02 22.06 -6.81
C TRP B 73 -4.57 20.71 -7.22
N LYS B 74 -5.01 20.00 -6.21
CA LYS B 74 -5.52 18.67 -6.39
C LYS B 74 -6.92 18.61 -5.86
N VAL B 75 -7.76 17.79 -6.50
CA VAL B 75 -9.14 17.49 -6.13
C VAL B 75 -9.31 15.98 -6.31
N GLU B 76 -10.17 15.42 -5.49
CA GLU B 76 -10.44 14.00 -5.55
C GLU B 76 -11.88 13.68 -5.18
N VAL B 77 -12.68 13.30 -6.18
CA VAL B 77 -14.08 12.97 -5.95
C VAL B 77 -14.34 11.46 -6.08
N ASN B 78 -15.13 10.88 -5.18
CA ASN B 78 -15.44 9.47 -5.26
C ASN B 78 -16.93 9.25 -5.32
N PHE B 79 -17.29 8.51 -6.33
CA PHE B 79 -18.63 8.21 -6.61
C PHE B 79 -18.91 6.79 -6.29
N TYR B 80 -20.03 6.60 -5.62
CA TYR B 80 -20.48 5.29 -5.25
C TYR B 80 -21.98 5.19 -5.14
N SER B 81 -22.48 4.02 -5.45
CA SER B 81 -23.85 3.70 -5.29
C SER B 81 -23.90 3.44 -3.81
N GLU B 82 -24.94 3.91 -3.16
CA GLU B 82 -25.03 3.76 -1.72
C GLU B 82 -24.75 2.32 -1.21
N GLU B 83 -25.21 1.34 -1.95
CA GLU B 83 -25.05 -0.05 -1.57
C GLU B 83 -23.58 -0.40 -1.41
N ILE B 84 -22.84 -0.12 -2.48
CA ILE B 84 -21.43 -0.38 -2.56
C ILE B 84 -20.62 0.28 -1.47
N LEU B 85 -20.92 1.53 -1.29
CA LEU B 85 -20.20 2.29 -0.32
C LEU B 85 -20.51 1.88 1.11
N LEU B 86 -21.78 1.65 1.38
CA LEU B 86 -22.17 1.23 2.69
C LEU B 86 -21.44 -0.02 3.07
N ASP B 87 -21.41 -0.88 2.10
CA ASP B 87 -20.78 -2.17 2.16
C ASP B 87 -19.32 -2.03 2.49
N TYR B 88 -18.76 -0.97 1.98
CA TYR B 88 -17.37 -0.69 2.18
C TYR B 88 -17.11 0.01 3.49
N ALA B 89 -18.18 0.57 4.03
CA ALA B 89 -18.08 1.28 5.28
C ALA B 89 -17.85 0.33 6.45
N SER B 90 -18.44 -0.82 6.27
CA SER B 90 -18.38 -1.91 7.22
C SER B 90 -17.26 -2.92 6.93
N GLN B 91 -16.25 -2.54 6.16
CA GLN B 91 -15.17 -3.46 5.83
C GLN B 91 -13.89 -3.19 6.58
N VAL B 92 -13.63 -4.07 7.53
CA VAL B 92 -12.45 -3.96 8.37
C VAL B 92 -11.21 -4.66 7.79
N GLU B 93 -10.24 -3.90 7.27
CA GLU B 93 -9.02 -4.53 6.78
C GLU B 93 -7.85 -4.15 7.65
N SER B 94 -6.69 -4.68 7.29
CA SER B 94 -5.51 -4.39 8.05
C SER B 94 -5.22 -2.89 8.15
N ASP B 95 -5.76 -2.16 7.18
CA ASP B 95 -5.52 -0.73 7.18
C ASP B 95 -6.77 0.10 7.47
N TRP B 96 -7.79 -0.56 8.02
CA TRP B 96 -9.01 0.10 8.40
C TRP B 96 -8.72 1.37 9.21
N PRO B 97 -7.73 1.37 10.12
CA PRO B 97 -7.45 2.54 10.93
C PRO B 97 -6.91 3.75 10.23
N LEU B 98 -6.29 3.54 9.09
CA LEU B 98 -5.76 4.67 8.34
C LEU B 98 -6.95 5.23 7.58
N THR B 99 -7.58 4.26 6.92
CA THR B 99 -8.69 4.32 5.99
C THR B 99 -10.08 4.68 6.45
N HIS B 100 -10.62 3.98 7.42
CA HIS B 100 -11.99 4.23 7.83
C HIS B 100 -12.32 5.56 8.46
N GLY B 101 -11.32 6.33 8.84
CA GLY B 101 -11.59 7.62 9.43
C GLY B 101 -12.47 8.47 8.54
N GLN B 102 -12.37 8.19 7.27
CA GLN B 102 -13.12 8.89 6.28
C GLN B 102 -14.59 8.87 6.58
N PHE B 103 -15.07 7.70 6.96
CA PHE B 103 -16.47 7.50 7.26
C PHE B 103 -16.91 8.26 8.49
N PHE B 104 -15.97 8.83 9.23
CA PHE B 104 -16.38 9.58 10.42
C PHE B 104 -16.30 11.09 10.20
N SER B 105 -15.18 11.47 9.58
CA SER B 105 -14.77 12.83 9.22
C SER B 105 -15.66 13.51 8.18
N ILE B 106 -16.94 13.17 8.11
CA ILE B 106 -17.68 13.81 7.07
C ILE B 106 -18.26 15.17 7.31
N LEU B 107 -18.09 15.93 6.27
CA LEU B 107 -18.63 17.25 6.19
C LEU B 107 -19.60 17.20 5.04
N PRO B 108 -20.85 17.25 5.47
CA PRO B 108 -21.98 17.21 4.60
C PRO B 108 -22.30 18.55 3.99
N ILE B 109 -22.32 18.52 2.68
CA ILE B 109 -22.52 19.66 1.83
C ILE B 109 -23.85 19.57 1.10
N TYR B 110 -24.35 18.33 0.97
CA TYR B 110 -25.62 18.06 0.31
C TYR B 110 -26.08 16.66 0.64
N ASP B 111 -27.36 16.51 0.94
CA ASP B 111 -27.84 15.19 1.25
C ASP B 111 -29.36 15.14 1.23
N SER B 112 -29.87 14.41 0.25
CA SER B 112 -31.29 14.27 0.07
C SER B 112 -32.00 13.46 1.16
N GLY B 113 -31.27 12.64 1.94
CA GLY B 113 -31.95 11.87 2.99
C GLY B 113 -31.05 11.18 4.01
N GLY B 114 -30.16 11.93 4.65
CA GLY B 114 -29.28 11.36 5.66
C GLY B 114 -28.47 10.12 5.23
N TYR B 115 -28.17 10.01 3.95
CA TYR B 115 -27.37 8.88 3.51
C TYR B 115 -26.00 8.92 4.23
N LEU B 116 -25.49 10.14 4.38
CA LEU B 116 -24.21 10.37 5.01
C LEU B 116 -24.17 9.99 6.50
N GLU B 117 -25.27 9.51 6.98
CA GLU B 117 -25.30 9.12 8.36
C GLU B 117 -25.34 7.61 8.40
N LYS B 118 -26.10 7.09 7.46
CA LYS B 118 -26.24 5.67 7.30
C LYS B 118 -24.87 5.09 7.21
N VAL B 119 -24.11 5.77 6.43
CA VAL B 119 -22.77 5.42 6.18
C VAL B 119 -21.95 5.52 7.44
N TYR B 120 -22.33 6.45 8.25
CA TYR B 120 -21.61 6.68 9.46
C TYR B 120 -22.05 5.72 10.51
N GLN B 121 -23.33 5.42 10.46
CA GLN B 121 -23.89 4.49 11.40
C GLN B 121 -23.29 3.16 11.09
N THR B 122 -23.16 2.94 9.80
CA THR B 122 -22.61 1.72 9.29
C THR B 122 -21.15 1.55 9.61
N ALA B 123 -20.40 2.61 9.41
CA ALA B 123 -19.00 2.48 9.69
C ALA B 123 -18.81 2.16 11.15
N LYS B 124 -19.58 2.83 12.02
CA LYS B 124 -19.44 2.56 13.44
C LYS B 124 -20.25 1.39 13.96
N SER B 125 -20.98 0.76 13.07
CA SER B 125 -21.72 -0.40 13.45
C SER B 125 -21.03 -1.63 12.90
N VAL B 126 -19.76 -1.81 13.27
CA VAL B 126 -18.95 -2.94 12.86
C VAL B 126 -18.62 -3.79 14.08
N GLU B 127 -18.75 -5.10 13.92
CA GLU B 127 -18.53 -6.15 14.91
C GLU B 127 -17.06 -6.44 15.31
N ALA B 128 -16.87 -6.57 16.63
CA ALA B 128 -15.64 -6.85 17.34
C ALA B 128 -14.92 -8.10 16.85
N GLN B 129 -15.69 -9.02 16.29
CA GLN B 129 -15.14 -10.25 15.76
C GLN B 129 -14.31 -9.90 14.58
N THR B 130 -15.02 -9.14 13.75
CA THR B 130 -14.54 -8.60 12.51
C THR B 130 -13.16 -8.02 12.70
N PHE B 131 -12.98 -7.28 13.79
CA PHE B 131 -11.71 -6.65 14.12
C PHE B 131 -10.73 -7.67 14.65
N HIS B 132 -11.31 -8.69 15.28
CA HIS B 132 -10.56 -9.79 15.82
C HIS B 132 -9.89 -10.56 14.67
N ASP B 133 -10.62 -10.84 13.62
CA ASP B 133 -10.04 -11.52 12.48
C ASP B 133 -9.00 -10.64 11.77
N ALA B 134 -9.25 -9.31 11.71
CA ALA B 134 -8.35 -8.34 11.07
C ALA B 134 -6.98 -8.44 11.66
N ILE B 135 -6.94 -8.41 12.99
CA ILE B 135 -5.71 -8.55 13.67
C ILE B 135 -4.95 -9.83 13.24
N CYS B 136 -5.61 -11.00 13.35
CA CYS B 136 -5.02 -12.32 13.02
C CYS B 136 -4.38 -12.37 11.63
N ALA B 137 -5.07 -11.75 10.69
CA ALA B 137 -4.65 -11.67 9.32
C ALA B 137 -3.41 -10.81 9.14
N LEU B 138 -3.39 -9.68 9.80
CA LEU B 138 -2.23 -8.80 9.73
C LEU B 138 -1.00 -9.57 10.10
N ILE B 139 -1.08 -10.13 11.28
CA ILE B 139 0.02 -10.86 11.86
C ILE B 139 0.63 -11.86 10.93
N VAL B 140 -0.25 -12.65 10.36
CA VAL B 140 0.16 -13.67 9.44
C VAL B 140 0.70 -13.07 8.16
N GLU B 141 -0.21 -12.53 7.37
CA GLU B 141 0.06 -11.95 6.09
C GLU B 141 1.13 -10.90 6.09
N GLU B 142 1.29 -10.26 7.23
CA GLU B 142 2.25 -9.19 7.30
C GLU B 142 3.29 -9.29 8.32
N LEU B 143 2.88 -9.18 9.56
CA LEU B 143 3.89 -9.19 10.59
C LEU B 143 4.91 -10.27 10.50
N PHE B 144 4.40 -11.45 10.34
CA PHE B 144 5.19 -12.63 10.24
C PHE B 144 6.07 -12.51 9.06
N GLU B 145 5.52 -11.89 8.02
CA GLU B 145 6.27 -11.68 6.80
C GLU B 145 7.43 -10.72 6.95
N TYR B 146 7.20 -9.64 7.63
CA TYR B 146 8.26 -8.71 7.84
C TYR B 146 9.37 -9.30 8.67
N ALA B 147 9.02 -10.26 9.55
CA ALA B 147 9.96 -10.96 10.43
C ALA B 147 11.07 -11.72 9.68
N GLY B 148 10.72 -12.58 8.74
CA GLY B 148 11.74 -13.28 7.95
C GLY B 148 12.64 -12.27 7.28
N LYS B 149 12.03 -11.33 6.56
CA LYS B 149 12.73 -10.23 5.88
C LYS B 149 13.81 -9.61 6.78
N TRP B 150 13.42 -9.07 7.91
CA TRP B 150 14.44 -8.47 8.72
C TRP B 150 15.44 -9.48 9.20
N ARG B 151 15.04 -10.72 9.13
CA ARG B 151 15.94 -11.79 9.52
C ARG B 151 16.97 -12.03 8.43
N ASN B 152 16.47 -12.27 7.25
CA ASN B 152 17.29 -12.45 6.10
C ASN B 152 18.24 -11.27 5.95
N ILE B 153 17.73 -10.08 6.25
CA ILE B 153 18.54 -8.90 6.17
C ILE B 153 19.74 -9.03 7.10
N ARG B 154 19.47 -9.51 8.34
CA ARG B 154 20.51 -9.73 9.34
C ARG B 154 21.58 -10.70 8.85
N VAL B 155 21.17 -11.60 7.99
CA VAL B 155 22.12 -12.58 7.50
C VAL B 155 22.73 -12.32 6.12
N GLN B 156 21.92 -11.85 5.14
CA GLN B 156 22.40 -11.64 3.78
C GLN B 156 22.19 -10.25 3.20
N GLY B 157 21.42 -9.43 3.88
CA GLY B 157 21.20 -8.13 3.30
C GLY B 157 19.92 -8.04 2.49
N PRO B 158 19.64 -6.79 2.14
CA PRO B 158 20.57 -5.71 2.44
C PRO B 158 20.12 -4.70 3.44
N THR B 159 21.11 -4.10 4.15
CA THR B 159 20.85 -3.02 5.11
C THR B 159 20.15 -1.75 4.51
N THR B 160 20.39 -1.46 3.22
CA THR B 160 19.79 -0.34 2.52
C THR B 160 18.29 -0.43 2.51
N PHE B 161 17.76 -1.59 2.91
CA PHE B 161 16.32 -1.77 3.01
C PHE B 161 15.82 -1.76 4.46
N LEU B 162 16.77 -1.83 5.40
CA LEU B 162 16.46 -1.83 6.82
C LEU B 162 15.63 -0.66 7.26
N PRO B 163 16.13 0.52 6.96
CA PRO B 163 15.43 1.73 7.31
C PRO B 163 13.98 1.63 6.83
N SER B 164 13.86 1.49 5.54
CA SER B 164 12.58 1.39 4.92
C SER B 164 11.71 0.27 5.47
N LEU B 165 12.33 -0.84 5.80
CA LEU B 165 11.52 -1.92 6.31
C LEU B 165 10.91 -1.55 7.63
N THR B 166 11.75 -1.01 8.49
CA THR B 166 11.36 -0.63 9.82
C THR B 166 10.13 0.28 9.87
N VAL B 167 9.99 1.12 8.87
CA VAL B 167 8.91 2.08 8.76
C VAL B 167 7.62 1.39 8.46
N GLN B 168 7.81 0.33 7.73
CA GLN B 168 6.73 -0.51 7.31
C GLN B 168 6.12 -1.23 8.49
N VAL B 169 7.01 -1.81 9.26
CA VAL B 169 6.70 -2.53 10.44
C VAL B 169 5.97 -1.59 11.37
N ALA B 170 6.61 -0.46 11.66
CA ALA B 170 6.03 0.55 12.56
C ALA B 170 4.59 0.95 12.18
N MET B 171 4.33 1.14 10.88
CA MET B 171 3.02 1.47 10.36
C MET B 171 1.98 0.39 10.66
N ALA B 172 2.43 -0.81 10.46
CA ALA B 172 1.64 -2.03 10.66
C ALA B 172 1.28 -2.29 12.10
N GLY B 173 2.28 -2.25 12.98
CA GLY B 173 2.00 -2.43 14.37
C GLY B 173 0.96 -1.37 14.75
N ALA B 174 1.02 -0.20 14.10
CA ALA B 174 0.10 0.89 14.40
C ALA B 174 -1.28 0.48 13.98
N MET B 175 -1.30 -0.28 12.91
CA MET B 175 -2.56 -0.74 12.42
C MET B 175 -3.11 -1.67 13.43
N LEU B 176 -2.15 -2.34 14.05
CA LEU B 176 -2.49 -3.31 15.04
C LEU B 176 -3.26 -2.68 16.16
N ILE B 177 -2.68 -1.63 16.75
CA ILE B 177 -3.30 -0.94 17.88
C ILE B 177 -4.70 -0.41 17.57
N GLY B 178 -4.82 0.26 16.44
CA GLY B 178 -6.09 0.80 16.04
C GLY B 178 -7.15 -0.26 15.93
N LEU B 179 -6.79 -1.32 15.23
CA LEU B 179 -7.71 -2.41 15.07
C LEU B 179 -7.98 -2.90 16.49
N HIS B 180 -6.96 -2.89 17.30
CA HIS B 180 -7.13 -3.30 18.67
C HIS B 180 -8.10 -2.41 19.43
N HIS B 181 -7.96 -1.10 19.26
CA HIS B 181 -8.78 -0.13 19.98
C HIS B 181 -9.82 0.56 19.13
N ARG B 182 -10.48 -0.13 18.19
CA ARG B 182 -11.46 0.47 17.28
C ARG B 182 -11.18 1.95 16.95
N ILE B 183 -9.90 2.21 16.86
CA ILE B 183 -9.35 3.50 16.58
C ILE B 183 -9.11 3.68 15.09
N CYS B 184 -9.16 4.94 14.67
CA CYS B 184 -8.92 5.39 13.31
C CYS B 184 -8.00 6.61 13.40
N TYR B 185 -7.07 6.76 12.51
CA TYR B 185 -6.25 7.93 12.60
C TYR B 185 -6.85 9.08 11.84
N THR B 186 -6.60 10.28 12.35
CA THR B 186 -7.12 11.46 11.71
C THR B 186 -6.63 11.43 10.29
N THR B 187 -5.30 11.52 10.24
CA THR B 187 -4.51 11.53 9.05
C THR B 187 -3.27 10.67 9.17
N SER B 188 -2.70 10.48 8.02
CA SER B 188 -1.50 9.72 7.81
C SER B 188 -0.30 10.12 8.69
N ALA B 189 -0.01 11.43 8.79
CA ALA B 189 1.13 11.92 9.56
C ALA B 189 1.00 11.82 11.09
N SER B 190 -0.24 11.70 11.53
CA SER B 190 -0.56 11.56 12.93
C SER B 190 -0.59 10.10 13.38
N VAL B 191 -0.62 9.12 12.43
CA VAL B 191 -0.67 7.68 12.72
C VAL B 191 0.15 7.26 13.94
N LEU B 192 1.44 7.40 13.77
CA LEU B 192 2.44 7.03 14.75
C LEU B 192 2.28 7.68 16.13
N THR B 193 2.43 9.00 16.14
CA THR B 193 2.33 9.83 17.32
C THR B 193 1.13 9.41 18.13
N GLU B 194 0.03 9.27 17.42
CA GLU B 194 -1.21 8.92 18.02
C GLU B 194 -1.23 7.53 18.56
N ALA B 195 -0.67 6.62 17.78
CA ALA B 195 -0.66 5.21 18.11
C ALA B 195 0.04 4.92 19.42
N VAL B 196 1.19 5.53 19.53
CA VAL B 196 2.08 5.40 20.66
C VAL B 196 1.49 6.07 21.91
N LYS B 197 0.27 6.60 21.77
CA LYS B 197 -0.44 7.26 22.88
C LYS B 197 -1.42 6.29 23.49
N GLN B 198 -1.55 5.18 22.80
CA GLN B 198 -2.43 4.15 23.24
C GLN B 198 -1.84 3.45 24.45
N SER B 199 -2.69 2.67 25.06
CA SER B 199 -2.38 1.98 26.27
C SER B 199 -1.65 0.67 26.12
N ASP B 200 -2.47 -0.30 25.75
CA ASP B 200 -2.14 -1.69 25.59
C ASP B 200 -1.02 -2.02 24.62
N LEU B 201 -0.08 -1.12 24.45
CA LEU B 201 1.00 -1.33 23.51
C LEU B 201 1.74 -2.63 23.68
N PRO B 202 2.06 -3.30 22.56
CA PRO B 202 2.83 -4.50 22.61
C PRO B 202 4.18 -4.07 23.07
N SER B 203 4.78 -4.89 23.85
CA SER B 203 6.08 -4.58 24.36
C SER B 203 7.05 -4.32 23.21
N GLY B 204 7.62 -3.10 23.13
CA GLY B 204 8.63 -2.84 22.10
C GLY B 204 8.37 -1.77 21.05
N TYR B 205 7.10 -1.62 20.72
CA TYR B 205 6.62 -0.72 19.73
C TYR B 205 7.19 0.66 19.93
N ASP B 206 6.84 1.30 21.04
CA ASP B 206 7.27 2.67 21.43
C ASP B 206 8.67 3.01 21.08
N HIS B 207 9.57 2.17 21.56
CA HIS B 207 10.96 2.38 21.32
C HIS B 207 11.14 2.39 19.84
N LEU B 208 10.63 1.34 19.24
CA LEU B 208 10.64 1.14 17.81
C LEU B 208 10.11 2.35 17.05
N CYS B 209 9.06 2.94 17.54
CA CYS B 209 8.55 4.09 16.86
C CYS B 209 9.45 5.31 17.00
N GLN B 210 10.14 5.36 18.12
CA GLN B 210 11.05 6.45 18.38
C GLN B 210 12.13 6.62 17.29
N PHE B 211 12.56 5.50 16.73
CA PHE B 211 13.59 5.46 15.71
C PHE B 211 13.09 5.99 14.35
N VAL B 212 11.83 5.60 14.06
CA VAL B 212 11.08 5.93 12.84
C VAL B 212 10.67 7.39 12.82
N MET B 213 10.11 7.84 13.93
CA MET B 213 9.70 9.22 14.12
C MET B 213 10.88 10.18 14.13
N SER B 214 12.02 9.71 14.67
CA SER B 214 13.23 10.49 14.80
C SER B 214 14.04 10.50 13.52
N GLY B 215 14.14 9.33 12.91
CA GLY B 215 14.84 9.20 11.65
C GLY B 215 16.23 8.73 11.90
N GLN B 216 16.39 8.24 13.10
CA GLN B 216 17.67 7.75 13.49
C GLN B 216 17.70 6.30 13.08
N LEU B 217 17.60 6.09 11.79
CA LEU B 217 17.56 4.76 11.25
C LEU B 217 18.87 4.22 10.73
N SER B 218 19.94 4.97 10.98
CA SER B 218 21.28 4.61 10.57
C SER B 218 21.83 3.34 11.23
N ASP B 219 21.46 3.06 12.52
CA ASP B 219 21.93 1.91 13.31
C ASP B 219 21.27 0.56 13.04
N SER B 220 21.94 -0.23 12.25
CA SER B 220 21.46 -1.55 11.86
C SER B 220 21.23 -2.50 12.99
N GLU B 221 22.33 -2.80 13.65
CA GLU B 221 22.37 -3.70 14.76
C GLU B 221 21.25 -3.37 15.76
N LYS B 222 21.10 -2.09 16.02
CA LYS B 222 20.16 -1.57 16.98
C LYS B 222 18.72 -1.66 16.55
N LEU B 223 18.54 -1.82 15.27
CA LEU B 223 17.21 -1.84 14.74
C LEU B 223 16.64 -3.21 14.78
N LEU B 224 17.39 -4.10 14.16
CA LEU B 224 17.01 -5.47 14.10
C LEU B 224 16.69 -5.94 15.49
N GLU B 225 17.52 -5.46 16.39
CA GLU B 225 17.43 -5.78 17.80
C GLU B 225 16.23 -5.13 18.45
N SER B 226 15.70 -4.08 17.86
CA SER B 226 14.56 -3.44 18.45
C SER B 226 13.25 -3.95 17.85
N LEU B 227 13.44 -4.61 16.71
CA LEU B 227 12.42 -5.24 15.89
C LEU B 227 12.07 -6.60 16.43
N GLU B 228 13.12 -7.31 16.80
CA GLU B 228 12.92 -8.64 17.33
C GLU B 228 12.11 -8.62 18.61
N ASN B 229 12.43 -7.64 19.43
CA ASN B 229 11.76 -7.43 20.68
C ASN B 229 10.36 -7.04 20.46
N PHE B 230 10.16 -6.32 19.40
CA PHE B 230 8.83 -5.95 19.10
C PHE B 230 8.05 -7.20 18.81
N TRP B 231 8.66 -8.04 17.97
CA TRP B 231 8.06 -9.30 17.53
C TRP B 231 7.63 -10.12 18.70
N ASN B 232 8.52 -10.17 19.68
CA ASN B 232 8.27 -10.91 20.90
C ASN B 232 7.17 -10.23 21.73
N GLY B 233 7.12 -8.90 21.63
CA GLY B 233 6.11 -8.09 22.27
C GLY B 233 4.75 -8.52 21.76
N ILE B 234 4.74 -8.79 20.47
CA ILE B 234 3.55 -9.23 19.77
C ILE B 234 3.13 -10.60 20.27
N GLN B 235 4.11 -11.48 20.29
CA GLN B 235 3.86 -12.85 20.69
C GLN B 235 3.12 -12.92 22.01
N GLU B 236 3.55 -12.09 22.96
CA GLU B 236 2.93 -12.00 24.27
C GLU B 236 1.49 -11.45 24.24
N TRP B 237 1.40 -10.22 23.73
CA TRP B 237 0.24 -9.39 23.55
C TRP B 237 -0.95 -10.14 23.00
N THR B 238 -0.74 -10.80 21.87
CA THR B 238 -1.79 -11.61 21.23
C THR B 238 -2.31 -12.73 22.16
N GLU B 239 -1.42 -13.27 22.95
CA GLU B 239 -1.75 -14.32 23.89
C GLU B 239 -2.56 -13.80 25.04
N ARG B 240 -2.30 -12.54 25.31
CA ARG B 240 -2.96 -11.79 26.34
C ARG B 240 -4.35 -11.42 25.86
N HIS B 241 -4.44 -10.88 24.66
CA HIS B 241 -5.74 -10.47 24.12
C HIS B 241 -6.53 -11.54 23.43
N GLY B 242 -5.87 -12.69 23.14
CA GLY B 242 -6.54 -13.80 22.49
C GLY B 242 -6.50 -13.76 20.95
N TYR B 243 -5.55 -13.02 20.41
CA TYR B 243 -5.37 -12.95 18.96
C TYR B 243 -4.49 -14.12 18.58
N ILE B 244 -5.14 -15.24 18.70
CA ILE B 244 -4.53 -16.50 18.50
C ILE B 244 -5.08 -17.24 17.31
N VAL B 245 -4.10 -17.63 16.53
CA VAL B 245 -4.24 -18.35 15.31
C VAL B 245 -3.73 -19.78 15.51
N ASP B 246 -4.51 -20.76 15.02
CA ASP B 246 -4.20 -22.21 15.06
C ASP B 246 -3.16 -22.57 14.00
N VAL B 247 -2.00 -23.03 14.43
CA VAL B 247 -0.92 -23.35 13.53
C VAL B 247 -0.61 -24.85 13.45
N SER B 248 -1.59 -25.64 13.90
CA SER B 248 -1.47 -27.09 13.94
C SER B 248 -1.32 -27.82 12.56
N LYS B 249 -2.04 -27.31 11.58
CA LYS B 249 -2.05 -27.85 10.24
C LYS B 249 -0.89 -27.32 9.38
N ARG B 250 -0.21 -28.24 8.72
CA ARG B 250 0.89 -27.93 7.80
C ARG B 250 0.33 -27.34 6.52
N ILE B 251 -0.86 -27.88 6.15
CA ILE B 251 -1.70 -27.54 4.99
C ILE B 251 -3.17 -27.53 5.38
N PRO B 252 -3.53 -26.34 5.81
CA PRO B 252 -4.83 -25.91 6.27
C PRO B 252 -5.97 -25.85 5.25
N PHE B 253 -6.08 -26.75 4.25
CA PHE B 253 -7.20 -26.71 3.26
C PHE B 253 -7.41 -28.03 2.49
#